data_7NEX
#
_entry.id   7NEX
#
_cell.length_a   103.800
_cell.length_b   103.800
_cell.length_c   133.030
_cell.angle_alpha   90.000
_cell.angle_beta   90.000
_cell.angle_gamma   120.000
#
_symmetry.space_group_name_H-M   'P 32 2 1'
#
loop_
_entity.id
_entity.type
_entity.pdbx_description
1 polymer 'Carbonic anhydrase'
2 branched 2-acetamido-2-deoxy-beta-D-glucopyranose-(1-4)-2-acetamido-2-deoxy-beta-D-glucopyranose
3 non-polymer 2-acetamido-2-deoxy-beta-D-glucopyranose
4 non-polymer 'ZINC ION'
5 non-polymer GLYCEROL
6 non-polymer 4-{[(4-fluorophenyl)carbamothioyl]amino}benzene-1-sulfonamide
7 water water
#
_entity_poly.entity_id   1
_entity_poly.type   'polypeptide(L)'
_entity_poly.pdbx_seq_one_letter_code
;METDTLLLWVLLLWVPGSTGDAAQPARRANGSEWSYTNILTGPETWHEHYKNMCSGYYQSPIDLKTDISTLDLKLKTVII
YRNTSSTETTTIQNNGHSAEVKFPRNTWFISFDGILDYKYEIIQMHFHWGNTDDRGSEHTIDGFRFPLEGHIVSFRRQMY
SSPSEAIGRPGGLAVLGIMHQIVESIKYEQTAFKAYNNFSGVLNSQFVPPNNSTIDDINLALLLSLLNPSRYFRYLGSLT
TPPCTENVLWTVFIDPVLITREQINLFRNLPYGSNEKQTRMGDNFRPIQLLNPIDTLASRTLYRATARGGPEQKLISEED
LNSAVDHHHHHH
;
_entity_poly.pdbx_strand_id   A,B
#
# COMPACT_ATOMS: atom_id res chain seq x y z
N GLU A 33 -31.30 9.45 22.08
CA GLU A 33 -30.10 10.09 21.43
C GLU A 33 -28.80 9.44 21.93
N TRP A 34 -27.74 9.61 21.13
CA TRP A 34 -26.45 9.02 21.48
C TRP A 34 -25.35 10.00 21.10
N SER A 35 -24.17 9.74 21.67
CA SER A 35 -23.03 10.57 21.34
C SER A 35 -21.77 9.74 21.52
N TYR A 36 -20.62 10.36 21.20
CA TYR A 36 -19.35 9.76 21.55
C TYR A 36 -18.78 10.34 22.86
N THR A 37 -19.04 11.62 23.14
CA THR A 37 -18.24 12.28 24.17
C THR A 37 -19.06 12.69 25.41
N ASN A 38 -20.40 12.65 25.32
CA ASN A 38 -21.22 12.94 26.49
C ASN A 38 -21.44 11.65 27.25
N ILE A 39 -20.94 11.57 28.50
CA ILE A 39 -20.88 10.32 29.25
C ILE A 39 -22.29 9.76 29.50
N LEU A 40 -23.30 10.62 29.41
CA LEU A 40 -24.66 10.20 29.68
C LEU A 40 -25.24 9.40 28.52
N THR A 41 -24.77 9.68 27.29
CA THR A 41 -25.33 9.06 26.11
C THR A 41 -24.23 8.37 25.28
N GLY A 42 -23.04 8.22 25.86
CA GLY A 42 -21.85 7.80 25.13
C GLY A 42 -21.75 6.29 24.98
N PRO A 43 -20.67 5.77 24.33
CA PRO A 43 -20.62 4.36 23.95
C PRO A 43 -20.87 3.33 25.04
N GLU A 44 -20.46 3.65 26.29
CA GLU A 44 -20.65 2.74 27.41
C GLU A 44 -22.14 2.54 27.72
N THR A 45 -23.00 3.41 27.20
CA THR A 45 -24.42 3.35 27.52
C THR A 45 -25.23 2.73 26.39
N TRP A 46 -24.61 2.51 25.21
CA TRP A 46 -25.41 2.08 24.07
C TRP A 46 -26.10 0.73 24.32
N HIS A 47 -25.42 -0.16 25.07
CA HIS A 47 -25.91 -1.51 25.31
C HIS A 47 -27.25 -1.49 26.06
N GLU A 48 -27.50 -0.42 26.83
CA GLU A 48 -28.71 -0.19 27.60
C GLU A 48 -29.70 0.65 26.79
N HIS A 49 -29.23 1.68 26.08
CA HIS A 49 -30.16 2.54 25.37
C HIS A 49 -30.67 1.96 24.06
N TYR A 50 -29.90 1.02 23.48
CA TYR A 50 -30.21 0.40 22.20
C TYR A 50 -29.88 -1.09 22.30
N LYS A 51 -30.62 -1.79 23.17
CA LYS A 51 -30.36 -3.20 23.47
C LYS A 51 -30.37 -4.01 22.17
N ASN A 52 -31.32 -3.69 21.28
CA ASN A 52 -31.35 -4.17 19.93
C ASN A 52 -30.57 -3.19 19.03
N MET A 53 -29.29 -3.47 18.70
CA MET A 53 -28.55 -4.71 18.96
C MET A 53 -27.22 -4.39 19.64
N CYS A 54 -27.11 -3.20 20.23
CA CYS A 54 -25.83 -2.83 20.84
C CYS A 54 -25.48 -3.71 22.04
N SER A 55 -26.43 -4.54 22.54
CA SER A 55 -26.12 -5.49 23.60
C SER A 55 -25.74 -6.87 23.06
N GLY A 56 -25.57 -7.00 21.75
CA GLY A 56 -25.30 -8.30 21.15
C GLY A 56 -23.88 -8.83 21.32
N TYR A 57 -23.59 -10.01 20.77
CA TYR A 57 -22.27 -10.60 20.94
C TYR A 57 -21.55 -10.74 19.59
N TYR A 58 -22.04 -10.05 18.54
CA TYR A 58 -21.30 -10.00 17.27
C TYR A 58 -21.13 -8.53 16.92
N GLN A 59 -20.54 -7.78 17.87
CA GLN A 59 -20.37 -6.34 17.69
C GLN A 59 -19.05 -5.99 17.02
N SER A 60 -18.97 -4.74 16.52
CA SER A 60 -17.79 -4.19 15.89
C SER A 60 -17.61 -2.79 16.47
N PRO A 61 -16.37 -2.23 16.47
CA PRO A 61 -15.19 -2.87 15.91
C PRO A 61 -14.53 -3.88 16.86
N ILE A 62 -13.54 -4.60 16.34
CA ILE A 62 -12.77 -5.57 17.10
C ILE A 62 -11.29 -5.30 16.86
N ASP A 63 -10.45 -5.88 17.72
CA ASP A 63 -9.02 -5.95 17.45
C ASP A 63 -8.80 -7.05 16.43
N LEU A 64 -8.17 -6.69 15.31
CA LEU A 64 -7.89 -7.61 14.22
C LEU A 64 -6.52 -8.24 14.50
N LYS A 65 -6.51 -9.50 14.95
CA LYS A 65 -5.30 -10.13 15.47
C LYS A 65 -4.73 -11.04 14.38
N THR A 66 -3.54 -10.68 13.87
CA THR A 66 -2.94 -11.42 12.78
C THR A 66 -2.70 -12.87 13.17
N ASP A 67 -2.21 -13.07 14.40
CA ASP A 67 -1.83 -14.41 14.86
CA ASP A 67 -1.83 -14.43 14.73
C ASP A 67 -3.07 -15.28 15.07
N ILE A 68 -4.14 -14.70 15.63
CA ILE A 68 -5.28 -15.51 16.03
C ILE A 68 -6.15 -15.94 14.83
N SER A 69 -6.17 -15.15 13.76
CA SER A 69 -7.08 -15.27 12.64
C SER A 69 -6.80 -16.49 11.75
N THR A 70 -7.81 -16.90 10.99
CA THR A 70 -7.75 -18.06 10.12
CA THR A 70 -7.76 -18.06 10.12
C THR A 70 -7.54 -17.60 8.68
N LEU A 71 -6.39 -17.97 8.08
CA LEU A 71 -6.13 -17.60 6.69
C LEU A 71 -7.07 -18.40 5.81
N ASP A 72 -7.87 -17.73 4.96
CA ASP A 72 -8.78 -18.45 4.08
C ASP A 72 -8.48 -18.10 2.63
N LEU A 73 -7.83 -19.03 1.92
CA LEU A 73 -7.27 -18.75 0.60
C LEU A 73 -8.36 -18.55 -0.45
N LYS A 74 -9.60 -18.91 -0.12
CA LYS A 74 -10.72 -18.77 -1.05
C LYS A 74 -11.20 -17.30 -1.17
N LEU A 75 -10.81 -16.43 -0.25
CA LEU A 75 -11.32 -15.07 -0.29
C LEU A 75 -10.51 -14.26 -1.32
N LYS A 76 -11.23 -13.63 -2.24
CA LYS A 76 -10.68 -13.11 -3.49
C LYS A 76 -10.35 -11.62 -3.35
N THR A 77 -9.65 -11.07 -4.35
CA THR A 77 -9.34 -9.64 -4.39
CA THR A 77 -9.35 -9.64 -4.42
C THR A 77 -10.66 -8.85 -4.45
N VAL A 78 -10.76 -7.76 -3.66
CA VAL A 78 -11.92 -6.89 -3.75
C VAL A 78 -11.78 -5.95 -4.95
N ILE A 79 -12.88 -5.73 -5.67
CA ILE A 79 -12.96 -4.80 -6.79
C ILE A 79 -14.05 -3.78 -6.48
N ILE A 80 -13.73 -2.50 -6.73
CA ILE A 80 -14.75 -1.46 -6.68
C ILE A 80 -14.86 -0.90 -8.09
N TYR A 81 -16.07 -0.73 -8.57
CA TYR A 81 -16.28 -0.35 -9.97
C TYR A 81 -17.49 0.56 -10.07
N ARG A 82 -17.47 1.43 -11.09
CA ARG A 82 -18.50 2.42 -11.33
C ARG A 82 -19.35 2.05 -12.54
N ASN A 83 -20.63 2.45 -12.48
CA ASN A 83 -21.51 2.46 -13.64
C ASN A 83 -21.21 3.76 -14.39
N THR A 84 -20.60 3.66 -15.59
CA THR A 84 -20.18 4.82 -16.35
CA THR A 84 -20.18 4.80 -16.38
C THR A 84 -21.37 5.63 -16.87
N SER A 85 -22.59 5.07 -16.81
CA SER A 85 -23.78 5.77 -17.28
C SER A 85 -24.31 6.75 -16.23
N SER A 86 -23.85 6.61 -14.98
CA SER A 86 -24.44 7.40 -13.91
C SER A 86 -23.94 8.84 -14.00
N THR A 87 -24.84 9.81 -13.81
CA THR A 87 -24.43 11.20 -13.88
C THR A 87 -24.84 11.97 -12.63
N GLU A 88 -25.49 11.29 -11.69
CA GLU A 88 -26.02 11.96 -10.52
C GLU A 88 -24.90 12.48 -9.61
N THR A 89 -25.26 13.45 -8.78
CA THR A 89 -24.30 14.17 -7.98
C THR A 89 -24.02 13.39 -6.68
N THR A 90 -22.82 13.59 -6.11
CA THR A 90 -22.46 13.10 -4.79
C THR A 90 -22.59 14.27 -3.81
N THR A 91 -22.93 13.98 -2.55
CA THR A 91 -22.93 15.02 -1.53
C THR A 91 -22.24 14.54 -0.28
N ILE A 92 -21.94 15.50 0.59
CA ILE A 92 -21.33 15.21 1.87
C ILE A 92 -22.08 16.00 2.94
N GLN A 93 -22.18 15.43 4.13
CA GLN A 93 -22.94 16.04 5.21
C GLN A 93 -22.11 15.98 6.49
N ASN A 94 -22.19 17.05 7.30
CA ASN A 94 -21.80 16.94 8.69
C ASN A 94 -23.04 16.51 9.47
N ASN A 95 -23.10 15.24 9.88
CA ASN A 95 -24.30 14.69 10.49
C ASN A 95 -24.22 14.84 12.01
N GLY A 96 -23.15 15.48 12.49
CA GLY A 96 -23.07 15.72 13.91
C GLY A 96 -22.17 14.70 14.62
N HIS A 97 -21.86 13.58 13.95
CA HIS A 97 -21.00 12.56 14.53
CA HIS A 97 -20.93 12.66 14.58
C HIS A 97 -19.85 12.22 13.58
N SER A 98 -20.07 12.44 12.28
CA SER A 98 -19.03 12.16 11.29
C SER A 98 -19.21 13.03 10.08
N ALA A 99 -18.22 12.99 9.17
CA ALA A 99 -18.43 13.48 7.82
C ALA A 99 -18.87 12.29 6.99
N GLU A 100 -20.01 12.42 6.31
CA GLU A 100 -20.60 11.28 5.61
C GLU A 100 -20.89 11.66 4.16
N VAL A 101 -20.21 10.95 3.25
CA VAL A 101 -20.44 11.10 1.82
C VAL A 101 -21.65 10.21 1.49
N LYS A 102 -22.59 10.77 0.74
CA LYS A 102 -23.73 10.00 0.26
C LYS A 102 -23.63 9.89 -1.25
N PHE A 103 -23.52 8.66 -1.74
CA PHE A 103 -23.37 8.39 -3.16
C PHE A 103 -24.77 8.28 -3.76
N PRO A 104 -24.92 8.65 -5.04
CA PRO A 104 -26.18 8.40 -5.72
C PRO A 104 -26.41 6.90 -5.91
N ARG A 105 -27.68 6.50 -6.04
CA ARG A 105 -28.04 5.11 -6.31
C ARG A 105 -27.41 4.64 -7.63
N ASN A 106 -27.12 3.33 -7.73
CA ASN A 106 -26.79 2.67 -8.98
C ASN A 106 -25.51 3.19 -9.60
N THR A 107 -24.54 3.60 -8.77
CA THR A 107 -23.35 4.24 -9.28
C THR A 107 -22.06 3.49 -8.98
N TRP A 108 -21.81 3.19 -7.70
CA TRP A 108 -20.60 2.51 -7.27
C TRP A 108 -20.97 1.14 -6.67
N PHE A 109 -20.13 0.15 -6.98
CA PHE A 109 -20.40 -1.24 -6.62
C PHE A 109 -19.13 -1.89 -6.07
N ILE A 110 -19.33 -2.99 -5.32
CA ILE A 110 -18.27 -3.87 -4.88
C ILE A 110 -18.55 -5.25 -5.47
N SER A 111 -17.46 -5.88 -5.94
CA SER A 111 -17.43 -7.29 -6.28
C SER A 111 -16.44 -8.01 -5.38
N PHE A 112 -16.91 -9.12 -4.76
CA PHE A 112 -15.99 -9.96 -4.01
C PHE A 112 -15.70 -11.26 -4.76
N ASP A 113 -16.30 -11.44 -5.95
CA ASP A 113 -16.15 -12.73 -6.64
C ASP A 113 -15.59 -12.53 -8.06
N GLY A 114 -15.18 -11.31 -8.41
CA GLY A 114 -14.55 -11.06 -9.70
C GLY A 114 -15.54 -10.79 -10.82
N ILE A 115 -16.84 -11.01 -10.59
CA ILE A 115 -17.87 -10.73 -11.57
C ILE A 115 -18.45 -9.35 -11.29
N LEU A 116 -18.68 -8.59 -12.37
CA LEU A 116 -19.14 -7.22 -12.21
C LEU A 116 -20.64 -7.15 -12.43
N ASP A 117 -21.41 -7.83 -11.56
CA ASP A 117 -22.83 -8.01 -11.78
C ASP A 117 -23.68 -7.36 -10.69
N TYR A 118 -23.11 -6.38 -9.96
CA TYR A 118 -23.87 -5.46 -9.10
C TYR A 118 -24.42 -6.21 -7.89
N LYS A 119 -23.64 -7.11 -7.30
CA LYS A 119 -24.17 -7.82 -6.13
C LYS A 119 -24.17 -6.90 -4.89
N TYR A 120 -23.18 -6.01 -4.80
CA TYR A 120 -23.09 -5.09 -3.69
C TYR A 120 -23.06 -3.66 -4.24
N GLU A 121 -23.97 -2.82 -3.74
CA GLU A 121 -24.06 -1.45 -4.20
C GLU A 121 -23.72 -0.48 -3.06
N ILE A 122 -22.78 0.43 -3.32
CA ILE A 122 -22.25 1.34 -2.32
C ILE A 122 -23.26 2.47 -2.07
N ILE A 123 -23.48 2.81 -0.78
CA ILE A 123 -24.45 3.82 -0.39
C ILE A 123 -23.76 5.09 0.13
N GLN A 124 -22.76 4.94 0.99
CA GLN A 124 -22.18 6.12 1.60
CA GLN A 124 -22.28 6.00 1.86
C GLN A 124 -20.80 5.77 2.13
N MET A 125 -20.03 6.83 2.44
CA MET A 125 -18.73 6.61 3.06
C MET A 125 -18.56 7.60 4.21
N HIS A 126 -18.14 7.10 5.37
CA HIS A 126 -17.92 8.06 6.43
CA HIS A 126 -18.08 7.72 6.69
C HIS A 126 -16.62 7.73 7.14
N PHE A 127 -16.28 8.61 8.09
CA PHE A 127 -14.92 8.61 8.61
C PHE A 127 -14.97 8.73 10.14
N HIS A 128 -13.96 8.14 10.78
CA HIS A 128 -13.73 8.16 12.20
C HIS A 128 -12.27 8.57 12.41
N TRP A 129 -12.01 9.52 13.33
CA TRP A 129 -10.66 10.02 13.52
C TRP A 129 -10.49 10.45 14.98
N GLY A 130 -9.27 10.92 15.27
CA GLY A 130 -8.87 11.18 16.64
C GLY A 130 -8.58 12.66 16.87
N ASN A 131 -8.58 13.07 18.15
CA ASN A 131 -8.12 14.39 18.54
C ASN A 131 -6.62 14.51 18.26
N THR A 132 -5.92 13.36 18.30
CA THR A 132 -4.47 13.31 18.11
C THR A 132 -4.12 12.22 17.11
N ASP A 133 -2.89 12.27 16.58
CA ASP A 133 -2.48 11.47 15.44
C ASP A 133 -2.32 10.00 15.81
N ASP A 134 -2.20 9.69 17.10
CA ASP A 134 -1.97 8.30 17.48
C ASP A 134 -3.26 7.50 17.77
N ARG A 135 -4.43 8.08 17.47
CA ARG A 135 -5.65 7.27 17.57
C ARG A 135 -6.68 7.82 16.59
N GLY A 136 -7.80 7.10 16.47
CA GLY A 136 -8.90 7.57 15.65
C GLY A 136 -9.63 6.43 14.96
N SER A 137 -8.93 5.36 14.59
CA SER A 137 -9.60 4.24 13.92
C SER A 137 -10.53 3.53 14.91
N GLU A 138 -11.52 2.84 14.36
CA GLU A 138 -12.41 1.98 15.16
C GLU A 138 -11.78 0.61 15.31
N HIS A 139 -11.45 -0.07 14.19
CA HIS A 139 -10.66 -1.28 14.31
C HIS A 139 -9.23 -0.96 14.73
N THR A 140 -8.58 -1.93 15.39
CA THR A 140 -7.15 -1.97 15.62
C THR A 140 -6.58 -3.18 14.87
N ILE A 141 -5.31 -3.10 14.49
CA ILE A 141 -4.61 -4.24 13.93
C ILE A 141 -3.48 -4.60 14.87
N ASP A 142 -3.57 -5.77 15.52
CA ASP A 142 -2.63 -6.17 16.56
C ASP A 142 -2.46 -5.06 17.60
N GLY A 143 -3.59 -4.46 18.03
CA GLY A 143 -3.62 -3.44 19.06
C GLY A 143 -3.32 -2.03 18.57
N PHE A 144 -2.93 -1.87 17.29
CA PHE A 144 -2.44 -0.56 16.80
C PHE A 144 -3.62 0.24 16.25
N ARG A 145 -3.71 1.51 16.66
CA ARG A 145 -4.74 2.40 16.12
C ARG A 145 -4.14 3.30 15.03
N PHE A 146 -4.93 3.53 13.98
CA PHE A 146 -4.56 4.45 12.92
C PHE A 146 -5.20 5.82 13.19
N PRO A 147 -4.72 6.92 12.54
CA PRO A 147 -5.35 8.23 12.74
C PRO A 147 -6.75 8.39 12.14
N LEU A 148 -7.10 7.63 11.09
CA LEU A 148 -8.33 7.85 10.34
C LEU A 148 -8.75 6.52 9.74
N GLU A 149 -10.03 6.15 9.90
CA GLU A 149 -10.60 4.93 9.31
C GLU A 149 -11.80 5.35 8.50
N GLY A 150 -11.78 5.00 7.20
CA GLY A 150 -12.93 5.24 6.35
C GLY A 150 -13.77 3.98 6.23
N HIS A 151 -15.10 4.15 6.13
CA HIS A 151 -16.03 3.05 6.01
C HIS A 151 -16.89 3.23 4.76
N ILE A 152 -16.63 2.37 3.78
CA ILE A 152 -17.43 2.35 2.57
C ILE A 152 -18.57 1.36 2.80
N VAL A 153 -19.80 1.89 2.86
CA VAL A 153 -20.97 1.08 3.22
C VAL A 153 -21.71 0.65 1.94
N SER A 154 -21.99 -0.66 1.82
CA SER A 154 -22.79 -1.13 0.69
C SER A 154 -23.92 -2.05 1.16
N PHE A 155 -24.95 -2.26 0.32
CA PHE A 155 -26.00 -3.23 0.62
C PHE A 155 -25.97 -4.38 -0.38
N ARG A 156 -26.45 -5.54 0.08
CA ARG A 156 -26.45 -6.78 -0.69
C ARG A 156 -27.62 -6.71 -1.70
N ARG A 157 -27.40 -5.93 -2.77
CA ARG A 157 -28.36 -5.74 -3.85
C ARG A 157 -28.75 -7.09 -4.45
N GLN A 158 -27.83 -8.05 -4.40
CA GLN A 158 -28.12 -9.41 -4.86
C GLN A 158 -29.41 -9.95 -4.24
N MET A 159 -29.72 -9.54 -3.00
CA MET A 159 -30.86 -10.04 -2.26
C MET A 159 -31.92 -8.97 -2.00
N TYR A 160 -31.50 -7.73 -1.74
CA TYR A 160 -32.40 -6.68 -1.29
C TYR A 160 -32.46 -5.59 -2.35
N SER A 161 -33.65 -5.06 -2.62
CA SER A 161 -33.79 -4.17 -3.76
C SER A 161 -33.41 -2.72 -3.42
N SER A 162 -33.35 -2.34 -2.13
CA SER A 162 -32.99 -0.94 -1.83
C SER A 162 -32.18 -0.84 -0.54
N PRO A 163 -31.40 0.23 -0.35
CA PRO A 163 -30.67 0.44 0.90
C PRO A 163 -31.60 0.38 2.11
N SER A 164 -32.79 0.98 2.02
CA SER A 164 -33.62 1.03 3.20
C SER A 164 -34.23 -0.33 3.52
N GLU A 165 -34.36 -1.19 2.51
CA GLU A 165 -34.78 -2.56 2.76
C GLU A 165 -33.66 -3.35 3.45
N ALA A 166 -32.41 -3.08 3.06
CA ALA A 166 -31.29 -3.88 3.51
C ALA A 166 -30.83 -3.48 4.93
N ILE A 167 -30.91 -2.18 5.26
N ILE A 167 -30.91 -2.18 5.25
CA ILE A 167 -30.18 -1.69 6.42
CA ILE A 167 -30.25 -1.63 6.42
C ILE A 167 -30.65 -2.33 7.73
C ILE A 167 -30.64 -2.40 7.69
N GLY A 168 -31.92 -2.78 7.80
CA GLY A 168 -32.41 -3.41 9.02
C GLY A 168 -32.58 -4.93 8.94
N ARG A 169 -32.15 -5.58 7.84
CA ARG A 169 -32.50 -6.98 7.61
C ARG A 169 -31.26 -7.86 7.71
N PRO A 170 -31.41 -9.18 7.98
CA PRO A 170 -30.25 -10.05 8.13
C PRO A 170 -29.40 -10.05 6.86
N GLY A 171 -28.07 -10.03 7.07
CA GLY A 171 -27.14 -10.15 5.95
C GLY A 171 -27.22 -8.97 4.96
N GLY A 172 -27.80 -7.84 5.39
CA GLY A 172 -28.10 -6.75 4.44
C GLY A 172 -26.88 -5.95 3.95
N LEU A 173 -25.77 -5.89 4.74
CA LEU A 173 -24.74 -4.87 4.52
C LEU A 173 -23.36 -5.49 4.41
N ALA A 174 -22.49 -4.82 3.64
CA ALA A 174 -21.07 -5.14 3.60
C ALA A 174 -20.33 -3.81 3.69
N VAL A 175 -19.40 -3.70 4.64
CA VAL A 175 -18.64 -2.47 4.80
C VAL A 175 -17.16 -2.78 4.56
N LEU A 176 -16.50 -1.85 3.86
CA LEU A 176 -15.06 -1.85 3.70
C LEU A 176 -14.45 -0.82 4.64
N GLY A 177 -13.45 -1.28 5.40
CA GLY A 177 -12.66 -0.38 6.24
C GLY A 177 -11.31 -0.08 5.62
N ILE A 178 -11.02 1.22 5.49
CA ILE A 178 -9.80 1.72 4.88
C ILE A 178 -9.05 2.52 5.95
N MET A 179 -7.89 2.00 6.35
CA MET A 179 -7.04 2.69 7.29
C MET A 179 -6.24 3.71 6.50
N HIS A 180 -5.96 4.84 7.17
CA HIS A 180 -5.11 5.89 6.62
C HIS A 180 -3.98 6.13 7.60
N GLN A 181 -2.76 6.37 7.08
CA GLN A 181 -1.63 6.72 7.93
C GLN A 181 -0.98 8.02 7.44
N ILE A 182 -0.45 8.83 8.38
CA ILE A 182 0.19 10.11 8.10
C ILE A 182 1.65 9.91 7.69
N VAL A 183 2.04 10.55 6.59
CA VAL A 183 3.44 10.62 6.18
C VAL A 183 3.82 12.10 6.06
N GLU A 184 5.11 12.42 6.21
CA GLU A 184 5.55 13.81 6.13
C GLU A 184 5.89 14.22 4.70
N SER A 185 6.40 13.28 3.90
CA SER A 185 6.93 13.52 2.56
C SER A 185 6.10 12.79 1.51
N ILE A 186 5.28 13.54 0.74
CA ILE A 186 4.41 12.92 -0.25
C ILE A 186 3.84 14.01 -1.18
N LYS A 187 3.59 13.66 -2.44
CA LYS A 187 2.89 14.57 -3.34
C LYS A 187 1.39 14.35 -3.14
N TYR A 188 0.62 15.45 -3.24
CA TYR A 188 -0.83 15.40 -3.11
C TYR A 188 -1.42 14.26 -3.94
N GLU A 189 -0.97 14.12 -5.20
CA GLU A 189 -1.50 13.12 -6.13
C GLU A 189 -1.39 11.67 -5.60
N GLN A 190 -0.48 11.40 -4.66
CA GLN A 190 -0.34 10.03 -4.19
C GLN A 190 -1.04 9.84 -2.84
N THR A 191 -1.72 10.89 -2.36
CA THR A 191 -2.44 10.78 -1.10
C THR A 191 -3.87 10.35 -1.39
N ALA A 192 -4.58 9.88 -0.35
CA ALA A 192 -5.98 9.54 -0.49
C ALA A 192 -6.83 10.74 -0.91
N PHE A 193 -6.41 11.96 -0.56
CA PHE A 193 -7.20 13.15 -0.88
C PHE A 193 -7.32 13.39 -2.38
N LYS A 194 -6.37 12.84 -3.15
CA LYS A 194 -6.54 12.83 -4.60
C LYS A 194 -7.78 12.02 -5.01
N ALA A 195 -7.95 10.79 -4.51
CA ALA A 195 -9.19 10.07 -4.79
C ALA A 195 -10.41 10.83 -4.26
N TYR A 196 -10.28 11.49 -3.10
CA TYR A 196 -11.41 12.18 -2.49
C TYR A 196 -11.68 13.54 -3.15
N ASN A 197 -10.77 13.97 -4.03
CA ASN A 197 -10.87 15.31 -4.62
C ASN A 197 -10.97 16.38 -3.54
N ASN A 198 -10.21 16.19 -2.44
CA ASN A 198 -10.20 17.11 -1.31
C ASN A 198 -11.59 17.30 -0.71
N PHE A 199 -12.58 16.48 -1.07
CA PHE A 199 -13.97 16.67 -0.67
C PHE A 199 -14.45 18.07 -1.04
N SER A 200 -13.97 18.58 -2.18
CA SER A 200 -14.33 19.91 -2.71
C SER A 200 -14.16 21.02 -1.67
N GLY A 201 -13.25 20.83 -0.70
CA GLY A 201 -12.86 21.89 0.22
C GLY A 201 -13.87 22.13 1.34
N VAL A 202 -14.77 21.17 1.56
CA VAL A 202 -15.90 21.34 2.45
C VAL A 202 -15.48 21.13 3.91
N LEU A 203 -14.32 20.49 4.13
CA LEU A 203 -13.91 20.19 5.50
C LEU A 203 -13.26 21.43 6.12
N ASN A 204 -14.04 22.21 6.86
CA ASN A 204 -13.59 23.46 7.46
C ASN A 204 -14.52 23.79 8.63
N SER A 205 -14.19 24.85 9.37
CA SER A 205 -14.85 25.14 10.63
C SER A 205 -16.30 25.60 10.39
N GLN A 206 -16.62 26.06 9.18
CA GLN A 206 -17.96 26.55 8.92
C GLN A 206 -18.88 25.43 8.43
N PHE A 207 -18.36 24.20 8.32
CA PHE A 207 -19.18 23.08 7.85
C PHE A 207 -19.95 22.50 9.03
N VAL A 208 -21.04 23.18 9.42
CA VAL A 208 -21.69 22.90 10.69
C VAL A 208 -22.81 21.87 10.47
N PRO A 209 -23.19 21.05 11.47
CA PRO A 209 -24.29 20.10 11.28
C PRO A 209 -25.58 20.90 11.15
N PRO A 210 -26.59 20.48 10.34
CA PRO A 210 -26.56 19.22 9.60
C PRO A 210 -26.38 19.55 8.12
N ASN A 211 -25.47 20.48 7.82
CA ASN A 211 -25.30 21.02 6.48
C ASN A 211 -24.81 19.93 5.54
N ASN A 212 -25.26 20.03 4.29
CA ASN A 212 -24.91 19.10 3.23
C ASN A 212 -24.47 19.93 2.02
N SER A 213 -23.40 19.48 1.34
CA SER A 213 -22.98 20.14 0.12
C SER A 213 -22.74 19.10 -0.98
N THR A 214 -23.00 19.54 -2.20
CA THR A 214 -22.60 18.81 -3.39
C THR A 214 -21.08 18.81 -3.45
N ILE A 215 -20.50 17.65 -3.78
CA ILE A 215 -19.06 17.58 -3.93
C ILE A 215 -18.75 16.86 -5.23
N ASP A 216 -17.50 16.96 -5.68
CA ASP A 216 -17.03 16.23 -6.84
C ASP A 216 -17.15 14.75 -6.50
N ASP A 217 -17.35 13.90 -7.52
CA ASP A 217 -17.42 12.48 -7.22
C ASP A 217 -16.09 11.97 -6.66
N ILE A 218 -16.17 10.94 -5.80
CA ILE A 218 -15.01 10.32 -5.19
C ILE A 218 -14.57 9.17 -6.09
N ASN A 219 -13.29 9.11 -6.45
CA ASN A 219 -12.81 8.02 -7.26
C ASN A 219 -12.46 6.85 -6.35
N LEU A 220 -13.46 6.04 -6.02
CA LEU A 220 -13.26 4.93 -5.09
C LEU A 220 -12.32 3.87 -5.67
N ALA A 221 -12.30 3.67 -7.00
CA ALA A 221 -11.38 2.72 -7.60
C ALA A 221 -9.93 3.15 -7.42
N LEU A 222 -9.66 4.45 -7.57
CA LEU A 222 -8.30 4.95 -7.34
C LEU A 222 -7.94 4.76 -5.87
N LEU A 223 -8.88 5.09 -4.98
CA LEU A 223 -8.64 4.93 -3.56
C LEU A 223 -8.17 3.51 -3.26
N LEU A 224 -8.88 2.51 -3.80
CA LEU A 224 -8.55 1.13 -3.53
C LEU A 224 -7.18 0.74 -4.08
N SER A 225 -6.77 1.37 -5.19
CA SER A 225 -5.48 1.03 -5.80
C SER A 225 -4.32 1.58 -4.98
N LEU A 226 -4.60 2.48 -4.01
CA LEU A 226 -3.55 2.98 -3.11
C LEU A 226 -3.16 1.95 -2.05
N LEU A 227 -3.94 0.86 -1.93
CA LEU A 227 -3.55 -0.18 -0.98
C LEU A 227 -3.60 -1.54 -1.71
N ASN A 228 -3.31 -2.64 -1.00
CA ASN A 228 -3.36 -3.95 -1.63
C ASN A 228 -4.77 -4.51 -1.43
N PRO A 229 -5.63 -4.64 -2.47
CA PRO A 229 -7.01 -5.07 -2.23
C PRO A 229 -7.20 -6.57 -2.03
N SER A 230 -6.11 -7.34 -1.96
CA SER A 230 -6.16 -8.76 -1.68
C SER A 230 -5.84 -9.06 -0.22
N ARG A 231 -5.37 -8.05 0.54
CA ARG A 231 -4.81 -8.27 1.87
C ARG A 231 -5.73 -7.65 2.93
N TYR A 232 -6.52 -8.49 3.59
CA TYR A 232 -7.57 -7.93 4.44
C TYR A 232 -7.98 -8.93 5.51
N PHE A 233 -8.61 -8.42 6.57
CA PHE A 233 -9.35 -9.21 7.53
C PHE A 233 -10.83 -9.27 7.12
N ARG A 234 -11.52 -10.38 7.49
CA ARG A 234 -12.90 -10.63 7.12
C ARG A 234 -13.60 -11.27 8.31
N TYR A 235 -14.75 -10.69 8.70
CA TYR A 235 -15.56 -11.26 9.75
C TYR A 235 -16.97 -10.72 9.67
N LEU A 236 -17.87 -11.42 10.38
CA LEU A 236 -19.25 -10.99 10.52
C LEU A 236 -19.41 -10.16 11.80
N GLY A 237 -19.96 -8.95 11.67
CA GLY A 237 -20.09 -8.05 12.81
C GLY A 237 -21.26 -7.09 12.64
N SER A 238 -21.07 -5.84 13.06
CA SER A 238 -22.20 -4.94 13.25
C SER A 238 -21.88 -3.53 12.75
N LEU A 239 -22.92 -2.69 12.70
CA LEU A 239 -22.66 -1.27 12.58
C LEU A 239 -21.92 -0.83 13.85
N THR A 240 -21.15 0.24 13.72
CA THR A 240 -20.38 0.67 14.89
C THR A 240 -21.03 1.88 15.57
N THR A 241 -22.24 2.26 15.13
CA THR A 241 -23.02 3.30 15.80
C THR A 241 -24.41 2.73 16.09
N PRO A 242 -25.16 3.24 17.09
CA PRO A 242 -26.51 2.74 17.34
C PRO A 242 -27.39 2.77 16.09
N PRO A 243 -28.21 1.72 15.81
CA PRO A 243 -28.42 0.61 16.74
C PRO A 243 -27.55 -0.64 16.60
N CYS A 244 -26.32 -0.46 16.07
CA CYS A 244 -25.33 -1.53 16.14
C CYS A 244 -25.86 -2.84 15.54
N THR A 245 -26.61 -2.75 14.45
CA THR A 245 -27.26 -3.93 13.90
C THR A 245 -26.21 -4.99 13.50
N GLU A 246 -26.47 -6.27 13.81
CA GLU A 246 -25.50 -7.31 13.50
C GLU A 246 -25.79 -7.91 12.13
N ASN A 247 -25.64 -7.09 11.08
CA ASN A 247 -25.91 -7.54 9.72
C ASN A 247 -24.81 -7.06 8.76
N VAL A 248 -23.58 -6.89 9.26
CA VAL A 248 -22.48 -6.37 8.45
C VAL A 248 -21.42 -7.43 8.19
N LEU A 249 -21.19 -7.70 6.88
CA LEU A 249 -20.01 -8.42 6.44
C LEU A 249 -18.84 -7.44 6.36
N TRP A 250 -17.87 -7.59 7.29
CA TRP A 250 -16.77 -6.64 7.38
C TRP A 250 -15.60 -7.10 6.54
N THR A 251 -14.93 -6.14 5.89
CA THR A 251 -13.65 -6.35 5.22
C THR A 251 -12.79 -5.16 5.61
N VAL A 252 -11.65 -5.42 6.25
CA VAL A 252 -10.76 -4.33 6.71
C VAL A 252 -9.40 -4.56 6.06
N PHE A 253 -8.98 -3.64 5.17
CA PHE A 253 -7.70 -3.83 4.49
C PHE A 253 -6.52 -3.61 5.45
N ILE A 254 -5.46 -4.42 5.31
CA ILE A 254 -4.37 -4.34 6.29
C ILE A 254 -3.44 -3.16 6.00
N ASP A 255 -3.16 -2.91 4.72
CA ASP A 255 -2.22 -1.84 4.33
C ASP A 255 -2.97 -0.52 4.33
N PRO A 256 -2.44 0.56 4.95
CA PRO A 256 -3.14 1.84 4.92
C PRO A 256 -2.88 2.63 3.64
N VAL A 257 -3.81 3.52 3.28
CA VAL A 257 -3.54 4.56 2.29
C VAL A 257 -2.89 5.73 3.03
N LEU A 258 -2.34 6.69 2.29
CA LEU A 258 -1.47 7.65 2.98
C LEU A 258 -2.10 9.04 2.92
N ILE A 259 -1.94 9.81 4.03
CA ILE A 259 -2.40 11.19 4.10
C ILE A 259 -1.32 12.01 4.81
N THR A 260 -1.56 13.34 4.87
CA THR A 260 -0.67 14.30 5.53
C THR A 260 -1.30 14.81 6.84
N ARG A 261 -0.46 15.42 7.71
CA ARG A 261 -0.98 16.01 8.93
C ARG A 261 -1.99 17.11 8.58
N GLU A 262 -1.69 17.85 7.50
CA GLU A 262 -2.55 18.93 7.09
C GLU A 262 -3.95 18.40 6.77
N GLN A 263 -3.98 17.25 6.08
CA GLN A 263 -5.23 16.62 5.68
C GLN A 263 -6.01 16.11 6.90
N ILE A 264 -5.36 15.43 7.85
CA ILE A 264 -6.09 14.98 9.03
C ILE A 264 -6.67 16.18 9.78
N ASN A 265 -5.93 17.30 9.81
CA ASN A 265 -6.37 18.44 10.60
C ASN A 265 -7.61 19.06 9.98
N LEU A 266 -7.84 18.90 8.66
CA LEU A 266 -9.08 19.40 8.09
C LEU A 266 -10.29 18.76 8.77
N PHE A 267 -10.25 17.43 8.97
CA PHE A 267 -11.38 16.78 9.62
C PHE A 267 -11.61 17.35 11.02
N ARG A 268 -10.53 17.67 11.71
CA ARG A 268 -10.60 18.15 13.08
C ARG A 268 -11.20 19.55 13.17
N ASN A 269 -11.31 20.23 12.02
CA ASN A 269 -11.97 21.53 11.97
C ASN A 269 -13.49 21.43 12.07
N LEU A 270 -14.08 20.26 11.76
CA LEU A 270 -15.55 20.16 11.77
C LEU A 270 -16.05 20.32 13.21
N PRO A 271 -17.19 21.02 13.44
CA PRO A 271 -17.79 21.02 14.76
C PRO A 271 -18.64 19.77 15.01
N TYR A 272 -18.61 19.26 16.25
CA TYR A 272 -19.52 18.22 16.69
C TYR A 272 -20.94 18.79 16.77
N GLY A 273 -21.93 17.89 16.71
CA GLY A 273 -23.33 18.23 17.00
C GLY A 273 -23.54 18.61 18.46
N SER A 274 -24.68 19.26 18.73
CA SER A 274 -24.93 19.89 20.02
C SER A 274 -25.14 18.87 21.15
N ASN A 275 -25.23 17.57 20.84
CA ASN A 275 -25.43 16.64 21.92
C ASN A 275 -24.09 16.07 22.42
N GLU A 276 -22.99 16.51 21.82
CA GLU A 276 -21.67 16.10 22.31
C GLU A 276 -21.19 17.10 23.36
N LYS A 277 -20.36 16.64 24.29
CA LYS A 277 -19.64 17.47 25.25
C LYS A 277 -18.49 18.25 24.58
N GLN A 278 -17.67 17.59 23.75
CA GLN A 278 -16.56 18.22 23.03
C GLN A 278 -17.08 19.10 21.89
N THR A 279 -16.42 20.24 21.63
CA THR A 279 -16.86 21.19 20.61
C THR A 279 -16.45 20.77 19.21
N ARG A 280 -15.16 20.47 19.01
CA ARG A 280 -14.68 20.11 17.68
C ARG A 280 -14.78 18.58 17.54
N MET A 281 -15.09 18.14 16.33
CA MET A 281 -15.28 16.71 16.07
C MET A 281 -13.95 15.97 16.04
N GLY A 282 -13.88 14.90 16.84
CA GLY A 282 -12.69 14.08 17.01
C GLY A 282 -12.99 13.04 18.08
N ASP A 283 -12.23 11.94 18.08
CA ASP A 283 -12.46 10.79 18.94
C ASP A 283 -13.85 10.21 18.68
N ASN A 284 -14.26 10.25 17.41
CA ASN A 284 -15.58 9.77 17.03
C ASN A 284 -15.45 8.31 16.61
N PHE A 285 -14.90 7.52 17.52
CA PHE A 285 -14.79 6.08 17.34
C PHE A 285 -15.41 5.34 18.52
N ARG A 286 -15.89 4.10 18.24
CA ARG A 286 -16.49 3.25 19.27
C ARG A 286 -15.36 2.44 19.89
N PRO A 287 -15.41 2.20 21.22
CA PRO A 287 -14.41 1.33 21.85
C PRO A 287 -14.42 -0.09 21.28
N ILE A 288 -13.27 -0.78 21.39
CA ILE A 288 -13.08 -2.15 20.94
C ILE A 288 -14.04 -3.12 21.64
N GLN A 289 -14.66 -4.01 20.85
CA GLN A 289 -15.50 -5.10 21.32
C GLN A 289 -14.71 -6.41 21.21
N LEU A 290 -15.11 -7.45 21.97
CA LEU A 290 -14.52 -8.78 21.83
C LEU A 290 -15.07 -9.54 20.62
N LEU A 291 -14.24 -10.34 19.96
CA LEU A 291 -14.73 -11.22 18.92
C LEU A 291 -15.80 -12.15 19.52
N ASN A 292 -15.49 -12.68 20.72
CA ASN A 292 -16.44 -13.61 21.34
C ASN A 292 -16.63 -13.28 22.81
N PRO A 293 -17.56 -12.37 23.16
CA PRO A 293 -17.87 -12.10 24.56
C PRO A 293 -18.26 -13.41 25.24
N ILE A 294 -18.16 -13.44 26.57
CA ILE A 294 -18.38 -14.62 27.39
C ILE A 294 -19.80 -15.19 27.19
N ASP A 295 -20.77 -14.33 26.89
CA ASP A 295 -22.15 -14.77 26.80
C ASP A 295 -22.53 -15.25 25.38
N THR A 296 -21.55 -15.51 24.51
CA THR A 296 -21.89 -15.77 23.11
C THR A 296 -22.58 -17.15 23.03
N LEU A 297 -23.54 -17.32 22.11
CA LEU A 297 -24.16 -18.63 21.95
C LEU A 297 -23.60 -19.36 20.73
N ALA A 298 -22.77 -18.70 19.93
CA ALA A 298 -22.12 -19.40 18.85
C ALA A 298 -20.95 -18.53 18.40
N SER A 299 -19.74 -19.05 18.59
CA SER A 299 -18.53 -18.21 18.45
C SER A 299 -18.37 -17.81 17.00
N ARG A 300 -17.86 -16.59 16.73
CA ARG A 300 -17.51 -16.29 15.34
C ARG A 300 -15.99 -16.39 15.21
N THR A 301 -15.54 -16.42 13.95
CA THR A 301 -14.12 -16.58 13.65
C THR A 301 -13.65 -15.35 12.84
N LEU A 302 -12.43 -14.88 13.13
CA LEU A 302 -11.80 -13.84 12.32
C LEU A 302 -10.98 -14.50 11.22
N TYR A 303 -11.27 -14.09 9.97
CA TYR A 303 -10.57 -14.60 8.79
C TYR A 303 -9.61 -13.56 8.23
N ARG A 304 -8.65 -14.05 7.45
CA ARG A 304 -7.66 -13.23 6.77
CA ARG A 304 -7.75 -13.17 6.74
C ARG A 304 -7.55 -13.70 5.33
N ALA A 305 -7.28 -12.76 4.41
CA ALA A 305 -7.05 -13.04 3.00
C ALA A 305 -5.66 -12.56 2.61
N THR A 306 -5.07 -13.22 1.60
CA THR A 306 -3.87 -12.74 0.94
C THR A 306 -3.90 -13.15 -0.53
N ALA A 307 -3.03 -12.54 -1.36
CA ALA A 307 -3.08 -12.73 -2.81
C ALA A 307 -2.58 -14.13 -3.12
N ARG A 308 -3.20 -14.78 -4.13
CA ARG A 308 -2.74 -16.02 -4.74
C ARG A 308 -1.22 -15.92 -4.92
N GLY A 309 -0.47 -16.44 -3.92
CA GLY A 309 0.96 -16.22 -3.79
C GLY A 309 1.76 -17.05 -4.79
N GLU B 33 36.49 0.77 -10.55
CA GLU B 33 36.53 1.61 -11.80
C GLU B 33 35.42 2.67 -11.79
N TRP B 34 34.40 2.52 -10.92
CA TRP B 34 33.33 3.50 -10.89
C TRP B 34 32.90 3.80 -9.45
N SER B 35 32.29 4.97 -9.26
CA SER B 35 31.76 5.37 -7.96
C SER B 35 30.51 6.23 -8.15
N TYR B 36 29.93 6.64 -7.02
CA TYR B 36 28.81 7.58 -6.97
C TYR B 36 29.32 8.97 -6.62
N THR B 37 30.34 9.06 -5.75
CA THR B 37 30.63 10.35 -5.13
C THR B 37 32.01 10.90 -5.48
N ASN B 38 32.88 10.11 -6.13
CA ASN B 38 34.20 10.57 -6.55
C ASN B 38 34.11 11.14 -7.96
N ILE B 39 34.34 12.45 -8.12
CA ILE B 39 34.13 13.13 -9.40
C ILE B 39 34.97 12.52 -10.53
N LEU B 40 36.03 11.78 -10.22
CA LEU B 40 36.84 11.19 -11.30
C LEU B 40 36.15 9.95 -11.89
N THR B 41 35.25 9.30 -11.13
CA THR B 41 34.72 8.02 -11.58
C THR B 41 33.19 7.98 -11.42
N GLY B 42 32.62 9.14 -11.09
CA GLY B 42 31.23 9.30 -10.67
C GLY B 42 30.27 9.16 -11.84
N PRO B 43 28.93 9.24 -11.63
CA PRO B 43 27.95 8.97 -12.71
C PRO B 43 28.09 9.83 -13.96
N GLU B 44 28.61 11.05 -13.83
CA GLU B 44 28.81 11.89 -15.01
C GLU B 44 29.86 11.30 -15.97
N THR B 45 30.71 10.39 -15.49
CA THR B 45 31.80 9.89 -16.30
C THR B 45 31.44 8.55 -16.94
N TRP B 46 30.32 7.92 -16.52
CA TRP B 46 30.08 6.56 -16.98
C TRP B 46 29.92 6.49 -18.50
N HIS B 47 29.35 7.53 -19.11
CA HIS B 47 29.08 7.45 -20.53
C HIS B 47 30.41 7.40 -21.29
N GLU B 48 31.46 7.99 -20.69
CA GLU B 48 32.79 8.01 -21.30
C GLU B 48 33.56 6.74 -20.92
N HIS B 49 33.50 6.33 -19.64
CA HIS B 49 34.22 5.15 -19.17
C HIS B 49 33.59 3.85 -19.63
N TYR B 50 32.26 3.83 -19.84
CA TYR B 50 31.58 2.59 -20.22
C TYR B 50 30.62 2.87 -21.37
N LYS B 51 31.19 3.18 -22.53
CA LYS B 51 30.40 3.59 -23.68
C LYS B 51 29.32 2.55 -23.94
N ASN B 52 29.70 1.26 -23.93
CA ASN B 52 28.82 0.11 -24.04
C ASN B 52 28.43 -0.34 -22.62
N MET B 53 27.30 0.13 -22.08
CA MET B 53 26.22 0.81 -22.80
C MET B 53 25.72 2.06 -22.08
N CYS B 54 26.52 2.65 -21.18
CA CYS B 54 26.13 3.84 -20.41
C CYS B 54 25.99 5.07 -21.31
N SER B 55 26.41 4.97 -22.58
CA SER B 55 26.23 6.08 -23.51
C SER B 55 24.93 5.96 -24.31
N GLY B 56 24.14 4.91 -24.07
CA GLY B 56 23.00 4.59 -24.92
C GLY B 56 21.81 5.52 -24.67
N TYR B 57 20.69 5.19 -25.33
CA TYR B 57 19.52 6.04 -25.22
C TYR B 57 18.31 5.22 -24.74
N TYR B 58 18.58 4.06 -24.14
CA TYR B 58 17.50 3.32 -23.46
C TYR B 58 17.95 3.13 -22.02
N GLN B 59 18.36 4.22 -21.36
CA GLN B 59 18.97 4.13 -20.04
C GLN B 59 17.93 4.26 -18.92
N SER B 60 18.32 3.79 -17.73
CA SER B 60 17.56 3.91 -16.49
C SER B 60 18.43 4.58 -15.43
N PRO B 61 17.88 5.23 -14.37
CA PRO B 61 16.44 5.40 -14.18
C PRO B 61 15.89 6.56 -14.97
N ILE B 62 14.55 6.63 -15.00
CA ILE B 62 13.83 7.71 -15.64
C ILE B 62 12.84 8.32 -14.64
N ASP B 63 12.32 9.50 -15.02
CA ASP B 63 11.17 10.06 -14.35
C ASP B 63 9.91 9.35 -14.85
N LEU B 64 9.18 8.71 -13.92
CA LEU B 64 7.95 8.01 -14.26
C LEU B 64 6.80 9.02 -14.20
N LYS B 65 6.35 9.47 -15.37
CA LYS B 65 5.37 10.55 -15.52
C LYS B 65 3.99 9.96 -15.77
N THR B 66 3.09 10.11 -14.79
CA THR B 66 1.77 9.50 -14.85
C THR B 66 1.00 9.99 -16.08
N ASP B 67 1.15 11.28 -16.42
CA ASP B 67 0.39 11.95 -17.46
CA ASP B 67 0.28 11.80 -17.46
C ASP B 67 0.90 11.54 -18.83
N ILE B 68 2.21 11.31 -18.91
CA ILE B 68 2.78 11.02 -20.22
C ILE B 68 2.79 9.53 -20.52
N SER B 69 2.38 8.68 -19.58
CA SER B 69 2.53 7.24 -19.79
C SER B 69 1.27 6.69 -20.44
N THR B 70 1.35 5.48 -21.00
CA THR B 70 0.22 4.84 -21.65
C THR B 70 -0.26 3.67 -20.79
N LEU B 71 -1.55 3.72 -20.41
CA LEU B 71 -2.18 2.65 -19.64
C LEU B 71 -2.37 1.43 -20.53
N ASP B 72 -1.87 0.26 -20.10
CA ASP B 72 -2.02 -0.97 -20.84
C ASP B 72 -2.73 -1.97 -19.93
N LEU B 73 -3.99 -2.28 -20.25
CA LEU B 73 -4.82 -3.07 -19.35
C LEU B 73 -4.41 -4.53 -19.38
N LYS B 74 -3.55 -4.91 -20.32
CA LYS B 74 -3.16 -6.31 -20.46
C LYS B 74 -2.07 -6.67 -19.46
N LEU B 75 -1.47 -5.67 -18.80
CA LEU B 75 -0.35 -5.94 -17.92
C LEU B 75 -0.95 -6.37 -16.57
N LYS B 76 -0.58 -7.57 -16.12
CA LYS B 76 -1.27 -8.30 -15.07
C LYS B 76 -0.61 -8.06 -13.71
N THR B 77 -1.26 -8.56 -12.64
CA THR B 77 -0.70 -8.46 -11.30
C THR B 77 0.61 -9.24 -11.25
N VAL B 78 1.61 -8.67 -10.55
CA VAL B 78 2.87 -9.35 -10.36
C VAL B 78 2.74 -10.30 -9.18
N ILE B 79 3.32 -11.50 -9.30
CA ILE B 79 3.37 -12.48 -8.22
C ILE B 79 4.83 -12.82 -7.94
N ILE B 80 5.19 -12.90 -6.66
CA ILE B 80 6.48 -13.44 -6.29
C ILE B 80 6.18 -14.68 -5.45
N TYR B 81 6.92 -15.75 -5.69
CA TYR B 81 6.63 -17.04 -5.09
C TYR B 81 7.92 -17.81 -4.94
N ARG B 82 7.92 -18.73 -3.95
CA ARG B 82 9.11 -19.42 -3.49
C ARG B 82 9.00 -20.90 -3.85
N ASN B 83 10.14 -21.50 -4.13
CA ASN B 83 10.24 -22.94 -4.21
C ASN B 83 10.35 -23.45 -2.76
N THR B 84 9.29 -24.11 -2.30
CA THR B 84 9.18 -24.49 -0.89
CA THR B 84 9.12 -24.57 -0.92
C THR B 84 10.20 -25.57 -0.52
N SER B 85 10.78 -26.26 -1.51
CA SER B 85 11.71 -27.33 -1.17
CA SER B 85 11.72 -27.35 -1.27
C SER B 85 13.15 -26.84 -1.20
N SER B 86 13.35 -25.53 -1.43
CA SER B 86 14.71 -24.99 -1.39
C SER B 86 15.14 -24.75 0.06
N THR B 87 16.39 -25.09 0.40
CA THR B 87 16.84 -24.95 1.79
C THR B 87 18.14 -24.14 1.90
N GLU B 88 18.66 -23.66 0.77
CA GLU B 88 19.96 -23.01 0.85
C GLU B 88 19.84 -21.61 1.48
N THR B 89 20.98 -21.09 1.93
CA THR B 89 21.10 -19.90 2.76
C THR B 89 21.08 -18.63 1.89
N THR B 90 20.53 -17.54 2.45
CA THR B 90 20.63 -16.21 1.86
C THR B 90 21.82 -15.47 2.49
N THR B 91 22.50 -14.64 1.70
CA THR B 91 23.56 -13.79 2.22
CA THR B 91 23.56 -13.79 2.22
C THR B 91 23.27 -12.33 1.88
N ILE B 92 23.95 -11.42 2.58
CA ILE B 92 23.95 -10.01 2.22
C ILE B 92 25.40 -9.53 2.19
N GLN B 93 25.70 -8.63 1.25
CA GLN B 93 27.06 -8.13 1.11
C GLN B 93 27.05 -6.61 1.08
N ASN B 94 28.05 -6.00 1.74
CA ASN B 94 28.37 -4.62 1.44
C ASN B 94 29.36 -4.65 0.29
N ASN B 95 28.90 -4.27 -0.92
CA ASN B 95 29.76 -4.45 -2.08
C ASN B 95 30.57 -3.18 -2.34
N GLY B 96 30.47 -2.20 -1.46
CA GLY B 96 31.16 -0.94 -1.59
C GLY B 96 30.32 0.16 -2.23
N HIS B 97 29.22 -0.21 -2.89
CA HIS B 97 28.39 0.79 -3.55
CA HIS B 97 28.38 0.77 -3.58
C HIS B 97 26.93 0.67 -3.11
N SER B 98 26.54 -0.51 -2.64
CA SER B 98 25.19 -0.76 -2.11
C SER B 98 25.21 -1.90 -1.09
N ALA B 99 24.10 -2.10 -0.35
CA ALA B 99 23.81 -3.36 0.32
C ALA B 99 23.06 -4.30 -0.62
N GLU B 100 23.62 -5.50 -0.86
CA GLU B 100 23.11 -6.44 -1.86
C GLU B 100 22.79 -7.79 -1.23
N VAL B 101 21.50 -8.12 -1.14
CA VAL B 101 21.09 -9.45 -0.75
C VAL B 101 21.34 -10.39 -1.93
N LYS B 102 21.96 -11.54 -1.68
CA LYS B 102 22.18 -12.53 -2.74
C LYS B 102 21.35 -13.76 -2.40
N PHE B 103 20.39 -14.09 -3.26
CA PHE B 103 19.51 -15.23 -3.08
C PHE B 103 20.18 -16.47 -3.64
N PRO B 104 19.93 -17.65 -3.05
CA PRO B 104 20.40 -18.91 -3.64
C PRO B 104 19.61 -19.19 -4.92
N ARG B 105 20.20 -19.98 -5.82
CA ARG B 105 19.57 -20.34 -7.10
C ARG B 105 18.29 -21.12 -6.84
N ASN B 106 17.36 -21.07 -7.81
CA ASN B 106 16.18 -21.93 -7.86
C ASN B 106 15.29 -21.77 -6.63
N THR B 107 15.17 -20.54 -6.10
CA THR B 107 14.47 -20.36 -4.83
C THR B 107 13.28 -19.39 -4.91
N TRP B 108 13.52 -18.17 -5.43
CA TRP B 108 12.49 -17.14 -5.50
C TRP B 108 12.28 -16.76 -6.98
N PHE B 109 11.00 -16.53 -7.34
CA PHE B 109 10.55 -16.37 -8.72
C PHE B 109 9.57 -15.20 -8.85
N ILE B 110 9.49 -14.64 -10.08
CA ILE B 110 8.45 -13.68 -10.42
C ILE B 110 7.59 -14.29 -11.52
N SER B 111 6.29 -14.08 -11.40
CA SER B 111 5.42 -14.37 -12.51
C SER B 111 4.70 -13.09 -12.92
N PHE B 112 4.74 -12.80 -14.23
CA PHE B 112 4.00 -11.67 -14.78
C PHE B 112 2.70 -12.13 -15.45
N ASP B 113 2.50 -13.46 -15.56
CA ASP B 113 1.43 -13.95 -16.42
C ASP B 113 0.44 -14.80 -15.64
N GLY B 114 0.63 -14.89 -14.32
CA GLY B 114 -0.28 -15.68 -13.50
C GLY B 114 0.09 -17.17 -13.44
N ILE B 115 1.01 -17.61 -14.29
CA ILE B 115 1.47 -18.99 -14.24
C ILE B 115 2.72 -19.08 -13.37
N LEU B 116 2.79 -20.13 -12.54
CA LEU B 116 3.92 -20.30 -11.63
C LEU B 116 4.91 -21.32 -12.23
N ASP B 117 5.48 -21.00 -13.40
CA ASP B 117 6.33 -21.95 -14.13
C ASP B 117 7.77 -21.44 -14.25
N TYR B 118 8.21 -20.58 -13.34
CA TYR B 118 9.64 -20.30 -13.20
C TYR B 118 10.21 -19.57 -14.42
N LYS B 119 9.44 -18.69 -15.05
CA LYS B 119 9.94 -17.90 -16.17
C LYS B 119 11.00 -16.89 -15.73
N TYR B 120 10.86 -16.30 -14.53
CA TYR B 120 11.80 -15.31 -14.02
C TYR B 120 12.31 -15.77 -12.65
N GLU B 121 13.63 -15.88 -12.52
CA GLU B 121 14.25 -16.33 -11.28
C GLU B 121 15.02 -15.18 -10.63
N ILE B 122 14.69 -14.92 -9.35
CA ILE B 122 15.29 -13.83 -8.60
C ILE B 122 16.70 -14.22 -8.20
N ILE B 123 17.62 -13.27 -8.41
CA ILE B 123 19.04 -13.42 -8.17
C ILE B 123 19.43 -12.62 -6.94
N GLN B 124 19.03 -11.34 -6.88
CA GLN B 124 19.55 -10.51 -5.82
CA GLN B 124 19.66 -10.35 -6.01
C GLN B 124 18.62 -9.33 -5.58
N MET B 125 18.80 -8.70 -4.41
CA MET B 125 18.04 -7.47 -4.15
C MET B 125 18.99 -6.42 -3.60
N HIS B 126 18.99 -5.23 -4.16
N HIS B 126 19.06 -5.26 -4.30
CA HIS B 126 19.83 -4.24 -3.49
CA HIS B 126 19.91 -4.09 -4.06
C HIS B 126 19.09 -2.91 -3.41
C HIS B 126 19.09 -2.95 -3.42
N PHE B 127 19.77 -2.00 -2.74
CA PHE B 127 19.14 -0.83 -2.20
C PHE B 127 19.91 0.41 -2.60
N HIS B 128 19.15 1.47 -2.84
CA HIS B 128 19.64 2.80 -3.14
C HIS B 128 18.99 3.75 -2.16
N TRP B 129 19.78 4.60 -1.48
CA TRP B 129 19.22 5.56 -0.54
C TRP B 129 20.01 6.88 -0.52
N GLY B 130 19.52 7.80 0.30
CA GLY B 130 19.97 9.17 0.34
C GLY B 130 20.74 9.44 1.63
N ASN B 131 21.51 10.53 1.62
CA ASN B 131 22.10 11.06 2.85
C ASN B 131 21.00 11.64 3.74
N THR B 132 19.90 12.10 3.13
CA THR B 132 18.80 12.77 3.81
C THR B 132 17.49 12.16 3.31
N ASP B 133 16.38 12.43 4.02
CA ASP B 133 15.14 11.66 3.87
C ASP B 133 14.39 12.08 2.60
N ASP B 134 14.79 13.20 2.01
CA ASP B 134 14.06 13.76 0.88
C ASP B 134 14.64 13.26 -0.44
N ARG B 135 15.64 12.38 -0.41
CA ARG B 135 16.17 11.81 -1.65
C ARG B 135 16.69 10.39 -1.40
N GLY B 136 17.02 9.66 -2.49
CA GLY B 136 17.56 8.33 -2.33
C GLY B 136 17.19 7.39 -3.49
N SER B 137 15.93 7.47 -3.96
CA SER B 137 15.48 6.59 -5.03
C SER B 137 16.20 6.92 -6.35
N GLU B 138 16.29 5.92 -7.25
CA GLU B 138 16.80 6.12 -8.59
C GLU B 138 15.69 6.66 -9.48
N HIS B 139 14.57 5.92 -9.57
CA HIS B 139 13.42 6.46 -10.26
C HIS B 139 12.79 7.56 -9.42
N THR B 140 12.12 8.50 -10.10
CA THR B 140 11.19 9.45 -9.50
C THR B 140 9.80 9.15 -10.07
N ILE B 141 8.77 9.56 -9.32
CA ILE B 141 7.40 9.49 -9.79
C ILE B 141 6.86 10.92 -9.79
N ASP B 142 6.59 11.42 -11.01
CA ASP B 142 6.20 12.80 -11.25
C ASP B 142 7.16 13.74 -10.53
N GLY B 143 8.46 13.42 -10.63
CA GLY B 143 9.55 14.24 -10.11
C GLY B 143 9.80 14.04 -8.61
N PHE B 144 9.05 13.15 -7.95
CA PHE B 144 9.19 12.95 -6.51
C PHE B 144 10.21 11.85 -6.19
N ARG B 145 11.17 12.15 -5.30
CA ARG B 145 12.19 11.19 -4.87
C ARG B 145 11.72 10.55 -3.56
N PHE B 146 11.90 9.23 -3.44
CA PHE B 146 11.60 8.51 -2.21
C PHE B 146 12.91 8.37 -1.44
N PRO B 147 12.89 8.13 -0.11
CA PRO B 147 14.12 7.91 0.65
C PRO B 147 14.91 6.65 0.36
N LEU B 148 14.26 5.60 -0.20
CA LEU B 148 14.90 4.30 -0.43
C LEU B 148 14.17 3.58 -1.56
N GLU B 149 14.93 3.00 -2.51
CA GLU B 149 14.36 2.20 -3.60
C GLU B 149 15.09 0.86 -3.60
N GLY B 150 14.30 -0.22 -3.54
CA GLY B 150 14.86 -1.56 -3.58
C GLY B 150 14.70 -2.12 -4.99
N HIS B 151 15.72 -2.87 -5.45
CA HIS B 151 15.70 -3.48 -6.75
C HIS B 151 15.83 -5.00 -6.60
N ILE B 152 14.76 -5.70 -7.00
CA ILE B 152 14.70 -7.15 -6.97
C ILE B 152 15.10 -7.59 -8.38
N VAL B 153 16.28 -8.19 -8.51
CA VAL B 153 16.83 -8.47 -9.84
C VAL B 153 16.57 -9.93 -10.18
N SER B 154 15.96 -10.20 -11.36
CA SER B 154 15.74 -11.56 -11.80
C SER B 154 16.29 -11.77 -13.21
N PHE B 155 16.54 -13.03 -13.58
CA PHE B 155 16.87 -13.35 -14.96
C PHE B 155 15.72 -14.12 -15.60
N ARG B 156 15.62 -13.97 -16.93
CA ARG B 156 14.59 -14.60 -17.73
C ARG B 156 14.99 -16.07 -17.97
N ARG B 157 14.74 -16.87 -16.94
CA ARG B 157 15.03 -18.30 -16.97
C ARG B 157 14.27 -19.03 -18.07
N GLN B 158 13.11 -18.49 -18.47
CA GLN B 158 12.36 -18.93 -19.64
C GLN B 158 13.27 -19.10 -20.88
N MET B 159 14.28 -18.23 -21.06
CA MET B 159 15.20 -18.30 -22.20
C MET B 159 16.61 -18.70 -21.81
N TYR B 160 17.10 -18.25 -20.64
CA TYR B 160 18.50 -18.33 -20.29
C TYR B 160 18.66 -19.23 -19.06
N SER B 161 19.64 -20.13 -19.07
CA SER B 161 19.63 -21.17 -18.04
C SER B 161 20.36 -20.70 -16.79
N SER B 162 21.14 -19.62 -16.88
CA SER B 162 21.82 -19.18 -15.67
C SER B 162 21.90 -17.66 -15.65
N PRO B 163 22.11 -17.04 -14.47
CA PRO B 163 22.27 -15.60 -14.38
C PRO B 163 23.44 -15.12 -15.23
N SER B 164 24.58 -15.84 -15.22
CA SER B 164 25.76 -15.33 -15.89
C SER B 164 25.54 -15.28 -17.40
N GLU B 165 24.74 -16.21 -17.91
CA GLU B 165 24.34 -16.27 -19.30
C GLU B 165 23.39 -15.11 -19.59
N ALA B 166 22.52 -14.74 -18.63
CA ALA B 166 21.46 -13.74 -18.88
C ALA B 166 21.96 -12.30 -18.78
N ILE B 167 22.85 -12.03 -17.81
CA ILE B 167 23.27 -10.68 -17.45
C ILE B 167 23.76 -9.88 -18.67
N GLY B 168 24.42 -10.53 -19.64
CA GLY B 168 25.02 -9.81 -20.75
C GLY B 168 24.20 -9.91 -22.05
N ARG B 169 23.06 -10.59 -22.01
CA ARG B 169 22.41 -10.95 -23.26
C ARG B 169 21.13 -10.15 -23.46
N PRO B 170 20.63 -9.98 -24.71
CA PRO B 170 19.41 -9.20 -24.95
C PRO B 170 18.24 -9.79 -24.17
N GLY B 171 17.46 -8.91 -23.54
CA GLY B 171 16.23 -9.35 -22.90
C GLY B 171 16.49 -10.26 -21.69
N GLY B 172 17.72 -10.21 -21.12
CA GLY B 172 18.12 -11.16 -20.10
C GLY B 172 17.47 -10.94 -18.72
N LEU B 173 17.10 -9.69 -18.39
CA LEU B 173 16.79 -9.32 -17.00
C LEU B 173 15.41 -8.68 -16.87
N ALA B 174 14.84 -8.82 -15.67
CA ALA B 174 13.64 -8.12 -15.24
C ALA B 174 13.89 -7.67 -13.79
N VAL B 175 13.68 -6.38 -13.52
CA VAL B 175 13.92 -5.83 -12.19
C VAL B 175 12.62 -5.21 -11.70
N LEU B 176 12.28 -5.45 -10.43
CA LEU B 176 11.17 -4.78 -9.80
C LEU B 176 11.76 -3.66 -8.92
N GLY B 177 11.18 -2.46 -9.03
CA GLY B 177 11.55 -1.34 -8.18
C GLY B 177 10.49 -1.17 -7.11
N ILE B 178 10.92 -1.19 -5.84
CA ILE B 178 10.05 -1.04 -4.69
C ILE B 178 10.43 0.25 -3.97
N MET B 179 9.50 1.21 -3.96
CA MET B 179 9.71 2.46 -3.25
C MET B 179 9.37 2.20 -1.78
N HIS B 180 10.07 2.95 -0.91
CA HIS B 180 9.82 2.93 0.53
C HIS B 180 9.60 4.35 0.99
N GLN B 181 8.62 4.58 1.87
CA GLN B 181 8.40 5.89 2.46
C GLN B 181 8.41 5.77 3.98
N ILE B 182 8.87 6.86 4.62
CA ILE B 182 9.05 6.89 6.08
C ILE B 182 7.76 7.36 6.75
N VAL B 183 7.35 6.63 7.81
CA VAL B 183 6.21 7.05 8.62
C VAL B 183 6.66 7.10 10.07
N GLU B 184 5.96 7.90 10.89
CA GLU B 184 6.35 8.05 12.29
C GLU B 184 5.64 7.01 13.16
N SER B 185 4.49 6.52 12.72
CA SER B 185 3.69 5.68 13.60
C SER B 185 3.35 4.40 12.85
N ILE B 186 3.95 3.28 13.29
CA ILE B 186 3.70 1.98 12.67
C ILE B 186 4.23 0.86 13.59
N LYS B 187 3.60 -0.31 13.56
CA LYS B 187 4.15 -1.47 14.24
C LYS B 187 5.25 -2.08 13.38
N TYR B 188 6.34 -2.52 14.02
CA TYR B 188 7.41 -3.22 13.33
C TYR B 188 6.89 -4.20 12.27
N GLU B 189 5.89 -5.02 12.64
CA GLU B 189 5.42 -6.13 11.82
C GLU B 189 4.79 -5.65 10.50
N GLN B 190 4.46 -4.35 10.40
CA GLN B 190 3.81 -3.81 9.21
C GLN B 190 4.80 -3.01 8.36
N THR B 191 6.08 -3.00 8.74
CA THR B 191 7.09 -2.31 7.95
C THR B 191 7.74 -3.29 6.98
N ALA B 192 8.39 -2.71 5.96
CA ALA B 192 9.12 -3.54 5.03
C ALA B 192 10.18 -4.37 5.77
N PHE B 193 10.71 -3.86 6.89
CA PHE B 193 11.79 -4.55 7.59
C PHE B 193 11.34 -5.88 8.18
N LYS B 194 10.05 -6.03 8.48
CA LYS B 194 9.53 -7.33 8.86
C LYS B 194 9.78 -8.34 7.73
N ALA B 195 9.49 -7.93 6.49
CA ALA B 195 9.68 -8.85 5.38
C ALA B 195 11.18 -9.15 5.20
N TYR B 196 12.04 -8.18 5.48
CA TYR B 196 13.48 -8.36 5.37
C TYR B 196 14.07 -9.11 6.59
N ASN B 197 13.21 -9.45 7.57
CA ASN B 197 13.62 -9.98 8.87
C ASN B 197 14.74 -9.14 9.47
N ASN B 198 14.64 -7.82 9.26
CA ASN B 198 15.58 -6.91 9.87
C ASN B 198 17.01 -7.15 9.37
N PHE B 199 17.18 -7.88 8.25
CA PHE B 199 18.50 -8.22 7.73
C PHE B 199 19.32 -8.92 8.82
N SER B 200 18.62 -9.62 9.73
CA SER B 200 19.19 -10.39 10.83
C SER B 200 20.16 -9.56 11.66
N GLY B 201 19.89 -8.26 11.76
CA GLY B 201 20.64 -7.36 12.61
C GLY B 201 22.04 -7.05 12.08
N VAL B 202 22.31 -7.40 10.82
CA VAL B 202 23.65 -7.36 10.24
C VAL B 202 24.09 -5.95 9.87
N LEU B 203 23.18 -5.00 9.67
CA LEU B 203 23.54 -3.65 9.24
C LEU B 203 24.15 -2.82 10.38
N ASN B 204 25.46 -2.53 10.29
CA ASN B 204 26.14 -1.64 11.23
C ASN B 204 27.43 -1.13 10.56
N SER B 205 28.19 -0.30 11.30
CA SER B 205 29.40 0.34 10.81
C SER B 205 30.53 -0.65 10.55
N GLN B 206 30.43 -1.85 11.10
CA GLN B 206 31.48 -2.85 10.98
C GLN B 206 31.28 -3.66 9.71
N PHE B 207 30.11 -3.50 9.08
CA PHE B 207 29.77 -4.27 7.89
C PHE B 207 30.45 -3.64 6.69
N VAL B 208 31.73 -4.02 6.48
CA VAL B 208 32.61 -3.28 5.60
C VAL B 208 32.74 -4.03 4.27
N PRO B 209 33.00 -3.33 3.15
CA PRO B 209 33.21 -4.01 1.87
C PRO B 209 34.51 -4.81 1.93
N PRO B 210 34.59 -6.03 1.31
CA PRO B 210 33.48 -6.63 0.57
C PRO B 210 32.79 -7.73 1.38
N ASN B 211 32.75 -7.56 2.71
CA ASN B 211 32.22 -8.59 3.59
C ASN B 211 30.79 -8.97 3.21
N ASN B 212 30.53 -10.28 3.35
CA ASN B 212 29.22 -10.87 3.18
C ASN B 212 28.85 -11.46 4.53
N SER B 213 27.55 -11.70 4.75
CA SER B 213 27.09 -12.37 5.95
C SER B 213 25.81 -13.16 5.64
N THR B 214 25.72 -14.36 6.19
CA THR B 214 24.49 -15.14 6.20
C THR B 214 23.39 -14.36 6.94
N ILE B 215 22.16 -14.42 6.42
CA ILE B 215 21.02 -13.77 7.07
C ILE B 215 19.82 -14.72 6.97
N ASP B 216 18.82 -14.54 7.84
CA ASP B 216 17.55 -15.22 7.66
C ASP B 216 16.98 -14.87 6.29
N ASP B 217 16.17 -15.77 5.71
CA ASP B 217 15.61 -15.52 4.40
C ASP B 217 14.67 -14.31 4.45
N ILE B 218 14.58 -13.59 3.31
CA ILE B 218 13.68 -12.47 3.09
C ILE B 218 12.35 -13.02 2.59
N ASN B 219 11.25 -12.63 3.22
CA ASN B 219 9.94 -13.07 2.73
C ASN B 219 9.47 -12.06 1.68
N LEU B 220 9.86 -12.31 0.43
CA LEU B 220 9.55 -11.39 -0.67
C LEU B 220 8.06 -11.38 -0.97
N ALA B 221 7.33 -12.48 -0.67
CA ALA B 221 5.89 -12.47 -0.86
C ALA B 221 5.21 -11.52 0.12
N LEU B 222 5.68 -11.48 1.38
CA LEU B 222 5.13 -10.52 2.34
C LEU B 222 5.41 -9.10 1.85
N LEU B 223 6.65 -8.86 1.40
CA LEU B 223 7.05 -7.53 0.96
C LEU B 223 6.08 -7.04 -0.11
N LEU B 224 5.78 -7.92 -1.06
CA LEU B 224 4.93 -7.48 -2.16
C LEU B 224 3.49 -7.23 -1.68
N SER B 225 3.04 -7.97 -0.65
CA SER B 225 1.70 -7.78 -0.10
C SER B 225 1.56 -6.41 0.57
N LEU B 226 2.68 -5.74 0.87
CA LEU B 226 2.64 -4.45 1.58
C LEU B 226 2.31 -3.29 0.63
N LEU B 227 2.30 -3.56 -0.68
CA LEU B 227 1.91 -2.56 -1.67
C LEU B 227 0.88 -3.18 -2.60
N ASN B 228 0.40 -2.41 -3.60
CA ASN B 228 -0.54 -2.96 -4.56
C ASN B 228 0.22 -3.48 -5.78
N PRO B 229 0.29 -4.81 -5.98
CA PRO B 229 1.15 -5.41 -7.00
C PRO B 229 0.57 -5.35 -8.41
N SER B 230 -0.59 -4.68 -8.57
CA SER B 230 -1.24 -4.48 -9.89
C SER B 230 -0.97 -3.08 -10.43
N ARG B 231 -0.42 -2.19 -9.59
CA ARG B 231 -0.32 -0.79 -9.91
C ARG B 231 1.15 -0.40 -10.13
N TYR B 232 1.57 -0.22 -11.39
CA TYR B 232 3.00 -0.06 -11.58
C TYR B 232 3.29 0.62 -12.92
N PHE B 233 4.52 1.15 -13.05
CA PHE B 233 5.03 1.58 -14.35
C PHE B 233 5.84 0.44 -14.98
N ARG B 234 5.87 0.40 -16.33
CA ARG B 234 6.57 -0.66 -17.05
C ARG B 234 7.28 -0.03 -18.26
N TYR B 235 8.58 -0.34 -18.47
CA TYR B 235 9.28 0.13 -19.65
C TYR B 235 10.55 -0.68 -19.85
N LEU B 236 11.14 -0.60 -21.07
CA LEU B 236 12.42 -1.26 -21.35
C LEU B 236 13.54 -0.28 -21.09
N GLY B 237 14.52 -0.68 -20.26
CA GLY B 237 15.64 0.19 -19.92
C GLY B 237 16.90 -0.61 -19.65
N SER B 238 17.66 -0.19 -18.63
CA SER B 238 19.03 -0.63 -18.46
C SER B 238 19.34 -0.90 -16.99
N LEU B 239 20.49 -1.54 -16.74
CA LEU B 239 21.06 -1.51 -15.40
C LEU B 239 21.38 -0.07 -15.06
N THR B 240 21.37 0.24 -13.75
CA THR B 240 21.54 1.63 -13.33
C THR B 240 22.96 1.81 -12.77
N THR B 241 23.78 0.76 -12.86
CA THR B 241 25.22 0.91 -12.61
C THR B 241 25.98 0.38 -13.83
N PRO B 242 27.26 0.76 -14.03
CA PRO B 242 28.02 0.31 -15.21
C PRO B 242 28.06 -1.21 -15.26
N PRO B 243 27.98 -1.86 -16.44
CA PRO B 243 27.98 -1.15 -17.74
C PRO B 243 26.62 -0.72 -18.31
N CYS B 244 25.61 -0.56 -17.44
CA CYS B 244 24.34 0.04 -17.84
C CYS B 244 23.70 -0.71 -18.99
N THR B 245 23.76 -2.06 -18.94
CA THR B 245 23.36 -2.86 -20.09
C THR B 245 21.87 -2.62 -20.37
N GLU B 246 21.53 -2.39 -21.65
CA GLU B 246 20.13 -2.12 -22.03
C GLU B 246 19.39 -3.44 -22.27
N ASN B 247 19.19 -4.23 -21.21
CA ASN B 247 18.49 -5.50 -21.35
C ASN B 247 17.55 -5.72 -20.15
N VAL B 248 17.02 -4.62 -19.57
CA VAL B 248 16.20 -4.74 -18.37
C VAL B 248 14.74 -4.45 -18.71
N LEU B 249 13.85 -5.42 -18.43
CA LEU B 249 12.42 -5.12 -18.35
C LEU B 249 12.11 -4.54 -16.96
N TRP B 250 11.75 -3.26 -16.91
CA TRP B 250 11.53 -2.55 -15.64
C TRP B 250 10.06 -2.62 -15.23
N THR B 251 9.84 -2.77 -13.93
CA THR B 251 8.51 -2.66 -13.31
C THR B 251 8.76 -1.88 -12.01
N VAL B 252 8.14 -0.70 -11.86
CA VAL B 252 8.29 0.10 -10.65
C VAL B 252 6.89 0.30 -10.05
N PHE B 253 6.66 -0.26 -8.85
CA PHE B 253 5.36 -0.12 -8.19
C PHE B 253 5.13 1.32 -7.76
N ILE B 254 3.91 1.78 -7.97
CA ILE B 254 3.61 3.18 -7.69
C ILE B 254 3.40 3.42 -6.19
N ASP B 255 2.79 2.45 -5.48
CA ASP B 255 2.57 2.63 -4.05
C ASP B 255 3.82 2.21 -3.26
N PRO B 256 4.33 3.02 -2.29
CA PRO B 256 5.47 2.64 -1.47
C PRO B 256 5.09 1.69 -0.33
N VAL B 257 6.05 0.86 0.10
CA VAL B 257 5.97 0.15 1.37
C VAL B 257 6.52 1.12 2.43
N LEU B 258 6.31 0.80 3.71
CA LEU B 258 6.52 1.77 4.78
C LEU B 258 7.68 1.34 5.67
N ILE B 259 8.51 2.34 6.06
CA ILE B 259 9.62 2.09 6.96
C ILE B 259 9.67 3.20 8.00
N THR B 260 10.54 3.03 9.00
CA THR B 260 10.72 4.10 9.97
C THR B 260 12.06 4.78 9.77
N ARG B 261 12.22 5.93 10.43
CA ARG B 261 13.42 6.74 10.37
C ARG B 261 14.60 5.95 10.94
N GLU B 262 14.34 5.17 12.00
CA GLU B 262 15.37 4.33 12.58
C GLU B 262 15.84 3.31 11.54
N GLN B 263 14.93 2.84 10.67
CA GLN B 263 15.30 1.77 9.76
C GLN B 263 16.15 2.33 8.63
N ILE B 264 15.78 3.50 8.08
CA ILE B 264 16.55 4.10 6.98
C ILE B 264 17.97 4.36 7.50
N ASN B 265 18.08 4.75 8.77
CA ASN B 265 19.37 5.06 9.38
C ASN B 265 20.29 3.85 9.47
N LEU B 266 19.72 2.64 9.56
CA LEU B 266 20.55 1.44 9.59
C LEU B 266 21.38 1.32 8.32
N PHE B 267 20.80 1.74 7.17
CA PHE B 267 21.55 1.71 5.92
C PHE B 267 22.69 2.74 5.93
N ARG B 268 22.42 3.93 6.48
CA ARG B 268 23.35 5.05 6.45
C ARG B 268 24.59 4.82 7.31
N ASN B 269 24.60 3.75 8.12
CA ASN B 269 25.77 3.46 8.92
C ASN B 269 26.79 2.65 8.11
N LEU B 270 26.36 2.06 6.98
CA LEU B 270 27.30 1.31 6.18
C LEU B 270 28.35 2.27 5.63
N PRO B 271 29.63 1.84 5.58
CA PRO B 271 30.67 2.64 4.95
C PRO B 271 30.75 2.38 3.45
N TYR B 272 31.03 3.42 2.68
CA TYR B 272 31.34 3.27 1.26
C TYR B 272 32.68 2.54 1.08
N GLY B 273 32.89 1.96 -0.12
CA GLY B 273 34.18 1.43 -0.56
C GLY B 273 35.21 2.56 -0.68
N SER B 274 36.50 2.21 -0.83
CA SER B 274 37.56 3.20 -0.69
C SER B 274 37.65 4.13 -1.90
N ASN B 275 37.02 3.72 -3.01
CA ASN B 275 37.09 4.54 -4.21
C ASN B 275 36.06 5.67 -4.19
N GLU B 276 35.22 5.71 -3.14
CA GLU B 276 34.28 6.80 -2.96
C GLU B 276 34.92 7.93 -2.17
N LYS B 277 34.49 9.18 -2.45
CA LYS B 277 34.89 10.34 -1.66
C LYS B 277 34.17 10.33 -0.30
N GLN B 278 32.84 10.20 -0.32
CA GLN B 278 32.06 10.23 0.91
C GLN B 278 32.39 8.99 1.74
N THR B 279 32.43 9.13 3.08
CA THR B 279 32.79 8.02 3.95
C THR B 279 31.62 7.06 4.12
N ARG B 280 30.47 7.60 4.51
CA ARG B 280 29.31 6.77 4.80
C ARG B 280 28.48 6.59 3.53
N MET B 281 28.03 5.35 3.32
CA MET B 281 27.21 5.01 2.16
C MET B 281 25.89 5.75 2.19
N GLY B 282 25.64 6.49 1.09
CA GLY B 282 24.46 7.32 0.93
C GLY B 282 24.57 8.04 -0.40
N ASP B 283 23.41 8.43 -0.95
CA ASP B 283 23.31 9.06 -2.26
C ASP B 283 23.89 8.13 -3.32
N ASN B 284 23.64 6.82 -3.14
CA ASN B 284 24.10 5.80 -4.06
C ASN B 284 23.01 5.58 -5.12
N PHE B 285 22.68 6.64 -5.87
CA PHE B 285 21.70 6.53 -6.95
C PHE B 285 22.21 7.27 -8.18
N ARG B 286 21.84 6.78 -9.38
CA ARG B 286 22.27 7.38 -10.62
C ARG B 286 21.31 8.55 -10.91
N PRO B 287 21.80 9.66 -11.54
CA PRO B 287 20.94 10.74 -12.00
C PRO B 287 19.91 10.23 -13.00
N ILE B 288 18.80 10.98 -13.09
CA ILE B 288 17.70 10.68 -13.98
C ILE B 288 18.17 10.75 -15.44
N GLN B 289 17.71 9.79 -16.26
CA GLN B 289 17.97 9.68 -17.68
C GLN B 289 16.70 10.07 -18.42
N LEU B 290 16.80 10.53 -19.68
CA LEU B 290 15.59 10.84 -20.46
C LEU B 290 14.98 9.56 -21.02
N LEU B 291 13.66 9.53 -21.15
CA LEU B 291 13.02 8.40 -21.81
C LEU B 291 13.54 8.28 -23.26
N ASN B 292 13.59 9.44 -23.94
CA ASN B 292 14.02 9.41 -25.34
C ASN B 292 15.03 10.52 -25.60
N PRO B 293 16.34 10.29 -25.36
CA PRO B 293 17.36 11.27 -25.74
C PRO B 293 17.23 11.59 -27.23
N ILE B 294 17.86 12.71 -27.65
CA ILE B 294 17.68 13.21 -29.01
C ILE B 294 18.26 12.27 -30.07
N ASP B 295 19.19 11.39 -29.69
CA ASP B 295 19.84 10.55 -30.69
C ASP B 295 19.16 9.17 -30.84
N THR B 296 18.01 8.98 -30.20
CA THR B 296 17.34 7.67 -30.28
C THR B 296 16.98 7.35 -31.74
N LEU B 297 17.07 6.07 -32.13
CA LEU B 297 16.70 5.66 -33.48
C LEU B 297 15.36 4.90 -33.44
N ALA B 298 14.78 4.70 -32.24
CA ALA B 298 13.44 4.14 -32.15
C ALA B 298 12.92 4.45 -30.74
N SER B 299 11.92 5.34 -30.65
CA SER B 299 11.48 5.81 -29.34
C SER B 299 10.91 4.65 -28.52
N ARG B 300 11.11 4.72 -27.19
CA ARG B 300 10.43 3.82 -26.29
C ARG B 300 9.26 4.56 -25.63
N THR B 301 8.32 3.75 -25.13
CA THR B 301 7.12 4.28 -24.49
C THR B 301 7.11 3.79 -23.04
N LEU B 302 6.66 4.67 -22.13
CA LEU B 302 6.47 4.27 -20.75
C LEU B 302 5.02 3.81 -20.63
N TYR B 303 4.81 2.63 -20.02
CA TYR B 303 3.49 2.08 -19.82
C TYR B 303 3.11 2.11 -18.34
N ARG B 304 1.81 2.00 -18.05
CA ARG B 304 1.34 1.95 -16.68
C ARG B 304 0.35 0.79 -16.61
N ALA B 305 0.21 0.22 -15.42
CA ALA B 305 -0.70 -0.90 -15.23
C ALA B 305 -1.61 -0.55 -14.05
N THR B 306 -2.84 -1.09 -14.08
CA THR B 306 -3.74 -0.94 -12.96
C THR B 306 -4.69 -2.15 -12.85
N ALA B 307 -5.44 -2.23 -11.75
CA ALA B 307 -6.26 -3.41 -11.48
C ALA B 307 -7.46 -3.44 -12.42
N ARG B 308 -7.83 -4.68 -12.80
CA ARG B 308 -9.13 -4.99 -13.40
C ARG B 308 -10.21 -4.42 -12.48
N GLY B 309 -10.84 -3.32 -12.93
CA GLY B 309 -11.80 -2.54 -12.18
C GLY B 309 -12.17 -1.23 -12.89
#